data_7GT3
#
_entry.id   7GT3
#
_cell.length_a   89.723
_cell.length_b   89.723
_cell.length_c   106.387
_cell.angle_alpha   90.000
_cell.angle_beta   90.000
_cell.angle_gamma   120.000
#
_symmetry.space_group_name_H-M   'P 31 2 1'
#
loop_
_entity.id
_entity.type
_entity.pdbx_description
1 polymer 'Tyrosine-protein phosphatase non-receptor type 1'
2 non-polymer 2-AMINO-2-HYDROXYMETHYL-PROPANE-1,3-DIOL
3 non-polymer 'ethyl (3R,3aS,8bS)-1-acetyl-5-methyl-2,3,3a,8b-tetrahydro-1H-[1]benzofuro[3,2-b]pyrrole-3-carboxylate'
4 water water
#
_entity_poly.entity_id   1
_entity_poly.type   'polypeptide(L)'
_entity_poly.pdbx_seq_one_letter_code
;MEMEKEFEQIDKSGSWAAIYQDIRHEASDFPSRVAKLPKNKNRNRYRDVSPFDHSRIKLHQEDNDYINASLIKMEEAQRS
YILTQGPLPNTVGHFWEMVWEQKSRGVVMLNRVMEKGSLKCAQYWPQKEEKEMIFEDTNLKLTLISEDIKSYYTVRQLEL
ENLTTQETREILHFHYTTWPDFGVPESPASFLNFLFKVRESGSLSPEHGPVVVHCSAGIGRSGTFCLADTCLLLMDKRKD
PSSVDIKKVLLEMRKFRMGLIQTADQLRFSYLAVIEGAKFIMGDSSVQDQWKELSHEDLEPPPEHIPPPPRPPKRILEPH
N
;
_entity_poly.pdbx_strand_id   A
#
loop_
_chem_comp.id
_chem_comp.type
_chem_comp.name
_chem_comp.formula
A1ABI non-polymer 'ethyl (3R,3aS,8bS)-1-acetyl-5-methyl-2,3,3a,8b-tetrahydro-1H-[1]benzofuro[3,2-b]pyrrole-3-carboxylate' 'C16 H19 N O4'
TRS non-polymer 2-AMINO-2-HYDROXYMETHYL-PROPANE-1,3-DIOL 'C4 H12 N O3 1'
#
# COMPACT_ATOMS: atom_id res chain seq x y z
N MET A 1 -25.07 -8.02 -7.99
CA MET A 1 -25.65 -8.47 -6.68
C MET A 1 -25.10 -7.60 -5.55
N GLU A 2 -25.95 -6.80 -4.89
CA GLU A 2 -25.59 -6.04 -3.67
C GLU A 2 -24.59 -6.89 -2.87
N MET A 3 -23.40 -6.33 -2.61
CA MET A 3 -22.28 -7.07 -1.95
C MET A 3 -22.66 -7.45 -0.51
N GLU A 4 -23.49 -6.65 0.15
CA GLU A 4 -23.98 -6.87 1.55
C GLU A 4 -24.78 -8.18 1.64
N LYS A 5 -25.45 -8.57 0.55
CA LYS A 5 -26.26 -9.81 0.48
C LYS A 5 -25.32 -10.95 0.09
N GLU A 6 -24.45 -10.72 -0.90
CA GLU A 6 -23.36 -11.64 -1.27
C GLU A 6 -22.58 -11.99 0.02
N PHE A 7 -22.35 -11.00 0.89
CA PHE A 7 -21.55 -11.15 2.14
C PHE A 7 -22.23 -12.13 3.11
N GLU A 8 -23.50 -11.89 3.41
CA GLU A 8 -24.32 -12.71 4.34
C GLU A 8 -24.44 -14.14 3.77
N GLN A 9 -24.67 -14.28 2.47
CA GLN A 9 -24.72 -15.59 1.74
C GLN A 9 -23.40 -16.36 1.92
N ILE A 10 -22.23 -15.71 1.80
CA ILE A 10 -20.91 -16.41 1.97
C ILE A 10 -20.71 -16.76 3.46
N ASP A 11 -21.08 -15.85 4.38
CA ASP A 11 -20.92 -16.04 5.85
C ASP A 11 -21.81 -17.21 6.31
N LYS A 12 -23.09 -17.18 5.94
CA LYS A 12 -24.04 -18.23 6.40
C LYS A 12 -23.57 -19.57 5.85
N SER A 13 -23.04 -19.59 4.62
CA SER A 13 -22.54 -20.82 3.94
C SER A 13 -21.10 -21.16 4.35
N GLY A 14 -20.41 -20.26 5.05
CA GLY A 14 -18.99 -20.42 5.44
C GLY A 14 -18.13 -20.80 4.27
N SER A 15 -18.20 -20.07 3.15
CA SER A 15 -17.46 -20.42 1.91
C SER A 15 -16.29 -19.45 1.61
N TRP A 16 -15.76 -18.72 2.59
CA TRP A 16 -14.74 -17.69 2.34
C TRP A 16 -13.51 -18.35 1.67
N ALA A 17 -13.10 -19.52 2.17
CA ALA A 17 -11.91 -20.23 1.65
C ALA A 17 -12.12 -20.59 0.18
N ALA A 18 -13.36 -20.94 -0.19
CA ALA A 18 -13.69 -21.35 -1.57
C ALA A 18 -13.61 -20.14 -2.51
N ILE A 19 -14.27 -19.03 -2.15
CA ILE A 19 -14.26 -17.76 -2.92
C ILE A 19 -12.79 -17.32 -3.15
N TYR A 20 -11.99 -17.37 -2.08
CA TYR A 20 -10.59 -16.88 -2.11
C TYR A 20 -9.77 -17.74 -3.07
N GLN A 21 -9.90 -19.07 -2.97
CA GLN A 21 -9.14 -19.96 -3.90
C GLN A 21 -9.54 -19.71 -5.35
N ASP A 22 -10.82 -19.41 -5.64
CA ASP A 22 -11.29 -19.06 -7.02
C ASP A 22 -10.53 -17.82 -7.55
N ILE A 23 -10.39 -16.79 -6.72
CA ILE A 23 -9.55 -15.60 -7.10
C ILE A 23 -8.11 -16.02 -7.36
N ARG A 24 -7.51 -16.85 -6.50
CA ARG A 24 -6.11 -17.28 -6.69
C ARG A 24 -5.97 -17.97 -8.05
N HIS A 25 -6.96 -18.76 -8.44
CA HIS A 25 -6.92 -19.59 -9.68
C HIS A 25 -7.02 -18.71 -10.92
N GLU A 26 -7.85 -17.67 -10.89
CA GLU A 26 -8.14 -16.77 -12.04
C GLU A 26 -7.12 -15.63 -12.13
N ALA A 27 -6.26 -15.42 -11.12
CA ALA A 27 -5.36 -14.24 -11.10
C ALA A 27 -4.36 -14.33 -12.24
N SER A 28 -3.93 -13.18 -12.74
CA SER A 28 -2.92 -13.00 -13.79
C SER A 28 -1.58 -13.62 -13.39
N ASP A 29 -0.82 -14.12 -14.38
CA ASP A 29 0.59 -14.56 -14.24
C ASP A 29 1.37 -13.90 -15.36
N PHE A 30 2.23 -12.95 -15.01
CA PHE A 30 3.10 -12.21 -15.93
C PHE A 30 4.54 -12.48 -15.49
N PRO A 31 5.53 -12.31 -16.39
CA PRO A 31 6.93 -12.50 -16.03
C PRO A 31 7.42 -11.44 -15.01
N SER A 32 8.29 -11.91 -14.10
CA SER A 32 9.11 -11.07 -13.16
C SER A 32 10.60 -11.40 -13.35
N ARG A 33 11.14 -11.29 -14.56
CA ARG A 33 12.54 -11.71 -14.87
C ARG A 33 13.54 -10.79 -14.17
N VAL A 34 13.29 -9.47 -14.15
CA VAL A 34 14.28 -8.54 -13.55
C VAL A 34 14.42 -8.87 -12.03
N ALA A 35 13.32 -9.13 -11.32
CA ALA A 35 13.31 -9.42 -9.85
C ALA A 35 14.19 -10.64 -9.55
N LYS A 36 14.28 -11.57 -10.51
CA LYS A 36 14.95 -12.87 -10.25
C LYS A 36 16.42 -12.83 -10.69
N LEU A 37 16.93 -11.76 -11.30
CA LEU A 37 18.39 -11.67 -11.66
C LEU A 37 19.24 -11.86 -10.40
N PRO A 38 20.37 -12.59 -10.47
CA PRO A 38 21.21 -12.76 -9.29
C PRO A 38 21.66 -11.44 -8.63
N LYS A 39 21.98 -10.41 -9.39
CA LYS A 39 22.40 -9.08 -8.84
C LYS A 39 21.31 -8.53 -7.90
N ASN A 40 20.08 -9.03 -7.91
CA ASN A 40 18.95 -8.36 -7.18
C ASN A 40 18.55 -9.18 -5.96
N LYS A 41 19.28 -10.25 -5.61
CA LYS A 41 18.80 -11.13 -4.54
C LYS A 41 18.68 -10.36 -3.21
N ASN A 42 19.61 -9.47 -2.88
CA ASN A 42 19.54 -8.79 -1.57
C ASN A 42 18.60 -7.57 -1.66
N ARG A 43 17.85 -7.40 -2.75
CA ARG A 43 16.85 -6.28 -2.91
C ARG A 43 15.44 -6.79 -2.71
N ASN A 44 15.26 -8.08 -2.47
CA ASN A 44 13.97 -8.75 -2.25
C ASN A 44 13.88 -9.32 -0.84
N ARG A 45 12.82 -9.00 -0.14
CA ARG A 45 12.58 -9.50 1.22
C ARG A 45 12.15 -10.95 1.16
N TYR A 46 11.28 -11.30 0.22
CA TYR A 46 10.63 -12.63 0.15
C TYR A 46 10.82 -13.20 -1.26
N ARG A 47 11.30 -14.44 -1.32
CA ARG A 47 11.64 -15.08 -2.62
C ARG A 47 10.38 -15.24 -3.49
N ASP A 48 9.20 -15.37 -2.88
CA ASP A 48 7.93 -15.64 -3.60
C ASP A 48 7.10 -14.36 -3.83
N VAL A 49 7.62 -13.15 -3.58
CA VAL A 49 6.86 -11.89 -3.79
C VAL A 49 7.72 -10.99 -4.65
N SER A 50 7.37 -10.80 -5.94
CA SER A 50 8.16 -10.05 -6.90
C SER A 50 7.23 -9.15 -7.72
N PRO A 51 7.73 -8.00 -8.17
CA PRO A 51 6.96 -7.15 -9.09
C PRO A 51 7.01 -7.77 -10.51
N PHE A 52 5.90 -7.70 -11.24
CA PHE A 52 5.91 -8.01 -12.70
C PHE A 52 6.80 -7.03 -13.42
N ASP A 53 7.47 -7.48 -14.50
CA ASP A 53 8.28 -6.59 -15.35
C ASP A 53 7.42 -5.44 -15.90
N HIS A 54 6.20 -5.71 -16.37
CA HIS A 54 5.49 -4.70 -17.16
C HIS A 54 5.07 -3.49 -16.29
N SER A 55 4.92 -3.67 -14.96
CA SER A 55 4.34 -2.64 -14.05
C SER A 55 5.38 -2.24 -12.97
N ARG A 56 6.60 -2.75 -13.02
CA ARG A 56 7.59 -2.42 -11.93
C ARG A 56 8.00 -0.95 -12.02
N ILE A 57 8.29 -0.33 -10.83
CA ILE A 57 8.87 1.02 -10.82
C ILE A 57 10.36 0.93 -11.08
N LYS A 58 10.84 1.69 -12.07
CA LYS A 58 12.28 1.83 -12.34
C LYS A 58 12.91 3.02 -11.58
N LEU A 59 14.02 2.74 -10.89
CA LEU A 59 14.89 3.83 -10.36
C LEU A 59 15.60 4.55 -11.53
N HIS A 60 15.78 5.86 -11.42
CA HIS A 60 16.46 6.68 -12.47
C HIS A 60 17.96 6.59 -12.23
N GLN A 61 18.56 5.42 -12.50
CA GLN A 61 20.03 5.29 -12.44
C GLN A 61 20.47 4.18 -13.38
N GLU A 62 21.64 4.35 -13.97
CA GLU A 62 22.16 3.47 -15.05
C GLU A 62 22.73 2.18 -14.41
N ASP A 63 23.28 2.29 -13.21
CA ASP A 63 23.91 1.16 -12.47
C ASP A 63 22.90 0.00 -12.38
N ASN A 64 21.85 0.16 -11.57
CA ASN A 64 20.85 -0.91 -11.33
C ASN A 64 19.53 -0.21 -11.04
N ASP A 65 18.54 -0.36 -11.90
CA ASP A 65 17.24 0.38 -11.79
C ASP A 65 16.20 -0.39 -10.94
N TYR A 66 16.58 -1.45 -10.26
CA TYR A 66 15.60 -2.38 -9.66
C TYR A 66 15.20 -2.00 -8.21
N ILE A 67 13.89 -1.93 -7.96
CA ILE A 67 13.26 -1.95 -6.59
C ILE A 67 12.04 -2.85 -6.60
N ASN A 68 11.78 -3.56 -5.53
CA ASN A 68 10.57 -4.36 -5.36
C ASN A 68 9.36 -3.44 -5.10
N ALA A 69 8.75 -2.94 -6.18
CA ALA A 69 7.65 -1.95 -6.15
C ALA A 69 6.88 -2.03 -7.50
N SER A 70 5.58 -1.81 -7.43
CA SER A 70 4.66 -1.95 -8.59
C SER A 70 3.75 -0.74 -8.68
N LEU A 71 3.45 -0.28 -9.93
CA LEU A 71 2.45 0.77 -10.19
C LEU A 71 1.11 0.15 -10.45
N ILE A 72 0.11 0.39 -9.60
CA ILE A 72 -1.27 -0.11 -9.72
C ILE A 72 -2.06 1.07 -10.32
N LYS A 73 -2.44 1.03 -11.62
CA LYS A 73 -3.13 2.17 -12.28
C LYS A 73 -4.60 1.83 -12.54
N MET A 74 -5.55 2.44 -11.79
CA MET A 74 -6.99 2.07 -11.85
C MET A 74 -7.70 3.07 -12.77
N GLU A 75 -7.98 2.65 -13.99
CA GLU A 75 -8.38 3.56 -15.10
C GLU A 75 -9.76 4.17 -14.84
N GLU A 76 -10.76 3.39 -14.51
CA GLU A 76 -12.12 3.94 -14.25
C GLU A 76 -12.16 4.81 -12.99
N ALA A 77 -11.50 4.37 -11.89
CA ALA A 77 -11.51 5.16 -10.65
C ALA A 77 -10.61 6.40 -10.76
N GLN A 78 -9.66 6.48 -11.71
CA GLN A 78 -8.74 7.63 -11.85
C GLN A 78 -7.91 7.74 -10.55
N ARG A 79 -7.38 6.62 -10.09
CA ARG A 79 -6.42 6.57 -8.94
C ARG A 79 -5.21 5.72 -9.32
N SER A 80 -4.04 6.09 -8.86
CA SER A 80 -2.82 5.23 -9.02
C SER A 80 -2.20 5.04 -7.62
N TYR A 81 -1.59 3.87 -7.41
CA TYR A 81 -0.89 3.58 -6.14
C TYR A 81 0.44 2.93 -6.48
N ILE A 82 1.46 3.18 -5.68
CA ILE A 82 2.69 2.34 -5.73
C ILE A 82 2.62 1.41 -4.53
N LEU A 83 2.66 0.09 -4.76
CA LEU A 83 2.72 -0.86 -3.64
C LEU A 83 4.13 -1.46 -3.61
N THR A 84 4.77 -1.50 -2.42
CA THR A 84 6.18 -1.90 -2.25
C THR A 84 6.31 -2.70 -0.94
N GLN A 85 7.40 -3.47 -0.85
CA GLN A 85 7.77 -4.19 0.38
C GLN A 85 8.23 -3.16 1.43
N GLY A 86 8.24 -3.59 2.68
CA GLY A 86 8.95 -2.82 3.71
C GLY A 86 10.44 -2.75 3.34
N PRO A 87 11.07 -1.58 3.36
CA PRO A 87 12.47 -1.43 3.01
C PRO A 87 13.44 -2.29 3.85
N LEU A 88 14.46 -2.81 3.18
CA LEU A 88 15.53 -3.63 3.79
C LEU A 88 16.69 -2.73 4.14
N PRO A 89 17.62 -3.21 5.02
CA PRO A 89 18.78 -2.40 5.35
C PRO A 89 19.52 -1.87 4.11
N ASN A 90 19.65 -2.68 3.06
CA ASN A 90 20.35 -2.15 1.87
C ASN A 90 19.44 -1.50 0.82
N THR A 91 18.15 -1.35 1.06
CA THR A 91 17.27 -0.61 0.09
C THR A 91 16.59 0.63 0.70
N VAL A 92 17.03 1.13 1.87
CA VAL A 92 16.37 2.36 2.40
C VAL A 92 16.67 3.56 1.49
N GLY A 93 17.87 3.68 0.94
CA GLY A 93 18.21 4.77 0.02
C GLY A 93 17.44 4.66 -1.28
N HIS A 94 17.27 3.43 -1.80
CA HIS A 94 16.43 3.23 -3.03
C HIS A 94 14.99 3.70 -2.77
N PHE A 95 14.42 3.33 -1.62
CA PHE A 95 13.03 3.62 -1.23
C PHE A 95 12.81 5.14 -1.36
N TRP A 96 13.71 5.95 -0.73
CA TRP A 96 13.51 7.41 -0.75
C TRP A 96 13.83 8.00 -2.14
N GLU A 97 14.73 7.40 -2.89
CA GLU A 97 14.98 7.77 -4.30
C GLU A 97 13.65 7.63 -5.09
N MET A 98 12.93 6.52 -4.91
CA MET A 98 11.64 6.27 -5.57
C MET A 98 10.65 7.37 -5.18
N VAL A 99 10.47 7.65 -3.87
CA VAL A 99 9.51 8.69 -3.45
C VAL A 99 9.84 10.02 -4.17
N TRP A 100 11.11 10.38 -4.22
CA TRP A 100 11.60 11.63 -4.84
C TRP A 100 11.25 11.59 -6.34
N GLU A 101 11.69 10.54 -7.02
CA GLU A 101 11.56 10.49 -8.52
C GLU A 101 10.10 10.43 -8.97
N GLN A 102 9.21 9.76 -8.23
CA GLN A 102 7.80 9.57 -8.58
C GLN A 102 6.92 10.73 -8.10
N LYS A 103 7.49 11.74 -7.43
CA LYS A 103 6.78 12.97 -6.93
C LYS A 103 5.63 12.67 -5.97
N SER A 104 5.79 11.60 -5.18
CA SER A 104 4.80 11.22 -4.16
C SER A 104 4.70 12.29 -3.04
N ARG A 105 3.52 12.48 -2.51
CA ARG A 105 3.26 13.39 -1.35
C ARG A 105 3.19 12.57 -0.07
N GLY A 106 2.74 11.30 -0.13
CA GLY A 106 2.43 10.51 1.06
C GLY A 106 3.08 9.15 1.01
N VAL A 107 3.42 8.63 2.19
CA VAL A 107 3.84 7.20 2.39
C VAL A 107 2.86 6.63 3.39
N VAL A 108 2.26 5.49 3.13
CA VAL A 108 1.29 4.79 4.00
C VAL A 108 1.98 3.49 4.47
N MET A 109 2.19 3.38 5.79
CA MET A 109 2.87 2.21 6.43
C MET A 109 1.82 1.46 7.26
N LEU A 110 1.64 0.14 7.03
CA LEU A 110 0.54 -0.61 7.68
C LEU A 110 1.07 -1.68 8.67
N ASN A 111 2.36 -1.66 8.93
CA ASN A 111 3.03 -2.62 9.85
C ASN A 111 3.79 -1.86 10.92
N ARG A 112 4.19 -2.62 11.96
CA ARG A 112 5.20 -2.16 12.94
C ARG A 112 6.56 -2.69 12.50
N VAL A 113 7.64 -1.97 12.86
CA VAL A 113 9.02 -2.36 12.57
C VAL A 113 9.29 -3.78 13.15
N MET A 114 8.84 -4.05 14.38
CA MET A 114 8.90 -5.44 14.93
C MET A 114 7.47 -5.99 15.11
N GLU A 115 7.20 -7.20 14.61
CA GLU A 115 5.92 -7.90 14.89
C GLU A 115 6.30 -9.39 15.12
N LYS A 116 5.58 -10.05 16.01
CA LYS A 116 5.80 -11.52 16.27
C LYS A 116 7.27 -11.78 16.69
N GLY A 117 7.88 -10.76 17.31
CA GLY A 117 9.30 -10.83 17.78
C GLY A 117 10.36 -10.83 16.69
N SER A 118 10.05 -10.44 15.42
CA SER A 118 11.00 -10.46 14.29
C SER A 118 10.93 -9.11 13.55
N LEU A 119 11.97 -8.76 12.85
CA LEU A 119 11.97 -7.45 12.15
C LEU A 119 11.19 -7.59 10.83
N LYS A 120 10.20 -6.72 10.62
CA LYS A 120 9.34 -6.74 9.42
C LYS A 120 9.75 -5.64 8.43
N CYS A 121 10.52 -4.65 8.86
CA CYS A 121 11.12 -3.66 7.94
C CYS A 121 12.14 -2.79 8.68
N ALA A 122 13.03 -2.17 7.95
CA ALA A 122 14.09 -1.32 8.49
C ALA A 122 13.46 -0.08 9.19
N GLN A 123 14.19 0.50 10.15
CA GLN A 123 13.81 1.82 10.73
C GLN A 123 14.26 2.87 9.72
N TYR A 124 13.40 3.26 8.77
CA TYR A 124 13.83 3.96 7.56
C TYR A 124 13.53 5.45 7.63
N TRP A 125 12.99 5.93 8.78
CA TRP A 125 12.73 7.39 8.98
C TRP A 125 13.30 7.80 10.34
N PRO A 126 13.63 9.10 10.53
CA PRO A 126 14.24 9.54 11.81
C PRO A 126 13.20 9.71 12.92
N GLN A 127 13.61 9.37 14.15
CA GLN A 127 12.72 9.33 15.33
C GLN A 127 12.84 10.63 16.14
N LYS A 128 13.88 11.40 15.92
CA LYS A 128 14.09 12.69 16.63
C LYS A 128 14.39 13.79 15.64
N GLU A 129 13.81 14.98 15.86
CA GLU A 129 14.04 16.18 15.03
C GLU A 129 15.54 16.40 14.81
N GLU A 130 16.35 16.41 15.89
CA GLU A 130 17.77 16.83 15.81
C GLU A 130 18.69 15.71 15.32
N LYS A 131 18.16 14.53 14.98
CA LYS A 131 18.99 13.41 14.42
C LYS A 131 18.47 13.03 13.01
N GLU A 132 18.88 13.80 12.03
CA GLU A 132 18.42 13.57 10.64
C GLU A 132 19.14 12.34 10.07
N MET A 133 18.66 11.85 8.91
CA MET A 133 19.25 10.67 8.25
C MET A 133 19.81 11.13 6.90
N ILE A 134 21.00 10.66 6.56
CA ILE A 134 21.60 10.88 5.22
C ILE A 134 21.78 9.51 4.54
N PHE A 135 21.30 9.41 3.29
CA PHE A 135 21.40 8.19 2.44
C PHE A 135 22.50 8.47 1.41
N GLU A 136 23.72 7.99 1.67
CA GLU A 136 24.88 8.44 0.87
C GLU A 136 24.76 7.82 -0.53
N ASP A 137 24.26 6.58 -0.64
CA ASP A 137 24.17 5.89 -1.96
C ASP A 137 23.25 6.67 -2.92
N THR A 138 22.17 7.33 -2.48
CA THR A 138 21.25 8.08 -3.37
C THR A 138 21.30 9.62 -3.20
N ASN A 139 22.14 10.14 -2.28
CA ASN A 139 22.36 11.59 -2.09
C ASN A 139 21.10 12.31 -1.60
N LEU A 140 20.43 11.76 -0.58
CA LEU A 140 19.20 12.35 -0.01
C LEU A 140 19.41 12.59 1.50
N LYS A 141 18.76 13.61 2.01
CA LYS A 141 18.66 13.89 3.45
C LYS A 141 17.21 13.92 3.89
N LEU A 142 16.93 13.32 5.04
CA LEU A 142 15.55 13.14 5.55
C LEU A 142 15.51 13.64 7.00
N THR A 143 14.62 14.57 7.29
CA THR A 143 14.49 15.21 8.64
C THR A 143 13.08 15.08 9.16
N LEU A 144 12.91 14.69 10.42
CA LEU A 144 11.62 14.66 11.09
C LEU A 144 11.23 16.11 11.45
N ILE A 145 10.09 16.60 10.95
CA ILE A 145 9.59 17.99 11.21
C ILE A 145 8.62 18.01 12.38
N SER A 146 7.67 17.09 12.47
CA SER A 146 6.66 16.98 13.54
C SER A 146 6.06 15.59 13.52
N GLU A 147 5.47 15.20 14.63
CA GLU A 147 4.87 13.85 14.85
C GLU A 147 3.57 14.07 15.63
N ASP A 148 2.45 13.47 15.22
CA ASP A 148 1.14 13.52 15.93
C ASP A 148 0.73 12.09 16.25
N ILE A 149 0.87 11.64 17.50
CA ILE A 149 0.57 10.24 17.90
C ILE A 149 -0.88 10.12 18.37
N LYS A 150 -1.69 9.29 17.73
CA LYS A 150 -3.10 9.06 18.08
C LYS A 150 -3.23 7.62 18.53
N SER A 151 -4.41 7.24 18.99
CA SER A 151 -4.63 5.88 19.56
C SER A 151 -4.40 4.81 18.49
N TYR A 152 -4.79 5.03 17.24
CA TYR A 152 -4.79 3.94 16.24
C TYR A 152 -3.78 4.16 15.08
N TYR A 153 -3.21 5.36 15.02
CA TYR A 153 -2.26 5.77 13.97
C TYR A 153 -1.44 6.99 14.41
N THR A 154 -0.28 7.17 13.77
CA THR A 154 0.63 8.32 13.93
C THR A 154 0.79 8.99 12.56
N VAL A 155 0.72 10.31 12.49
CA VAL A 155 1.07 11.07 11.27
C VAL A 155 2.33 11.87 11.53
N ARG A 156 3.29 11.78 10.65
CA ARG A 156 4.56 12.52 10.67
C ARG A 156 4.73 13.43 9.48
N GLN A 157 5.23 14.63 9.71
CA GLN A 157 5.72 15.52 8.65
C GLN A 157 7.21 15.35 8.49
N LEU A 158 7.68 15.02 7.27
CA LEU A 158 9.10 14.78 6.96
C LEU A 158 9.58 15.75 5.87
N GLU A 159 10.85 16.15 5.93
CA GLU A 159 11.46 16.98 4.87
C GLU A 159 12.46 16.12 4.12
N LEU A 160 12.24 15.92 2.82
CA LEU A 160 13.20 15.20 1.98
C LEU A 160 13.94 16.21 1.08
N GLU A 161 15.27 16.20 1.18
CA GLU A 161 16.17 17.09 0.41
C GLU A 161 16.99 16.28 -0.58
N ASN A 162 16.90 16.65 -1.85
CA ASN A 162 17.83 16.17 -2.89
C ASN A 162 19.15 16.92 -2.74
N LEU A 163 20.20 16.28 -2.19
CA LEU A 163 21.47 16.99 -1.84
C LEU A 163 22.18 17.44 -3.13
N THR A 164 21.83 16.84 -4.28
CA THR A 164 22.39 17.19 -5.60
C THR A 164 21.95 18.60 -6.03
N THR A 165 20.70 18.99 -5.80
CA THR A 165 20.08 20.27 -6.31
C THR A 165 19.66 21.22 -5.17
N GLN A 166 19.66 20.73 -3.93
CA GLN A 166 19.19 21.47 -2.73
C GLN A 166 17.70 21.75 -2.83
N GLU A 167 16.94 21.10 -3.71
CA GLU A 167 15.46 21.17 -3.63
C GLU A 167 15.01 20.38 -2.40
N THR A 168 13.92 20.82 -1.78
CA THR A 168 13.25 20.14 -0.64
C THR A 168 11.79 19.92 -0.99
N ARG A 169 11.18 18.92 -0.36
CA ARG A 169 9.73 18.66 -0.42
C ARG A 169 9.27 18.15 0.93
N GLU A 170 8.04 18.47 1.25
CA GLU A 170 7.32 17.96 2.43
C GLU A 170 6.69 16.60 2.08
N ILE A 171 7.05 15.54 2.78
CA ILE A 171 6.38 14.21 2.68
C ILE A 171 5.56 13.94 3.93
N LEU A 172 4.35 13.45 3.82
CA LEU A 172 3.51 13.03 4.95
C LEU A 172 3.64 11.51 5.13
N HIS A 173 3.94 11.07 6.35
CA HIS A 173 4.02 9.63 6.74
C HIS A 173 2.80 9.25 7.56
N PHE A 174 1.92 8.41 7.00
CA PHE A 174 0.70 7.90 7.68
C PHE A 174 0.95 6.47 8.14
N HIS A 175 1.06 6.27 9.46
CA HIS A 175 1.50 5.00 10.08
C HIS A 175 0.37 4.39 10.87
N TYR A 176 -0.28 3.36 10.33
CA TYR A 176 -1.35 2.62 11.02
C TYR A 176 -0.64 1.63 11.95
N THR A 177 -0.81 1.80 13.28
CA THR A 177 0.07 1.16 14.29
C THR A 177 -0.64 0.01 15.03
N THR A 178 -1.91 -0.26 14.77
CA THR A 178 -2.72 -1.20 15.58
C THR A 178 -3.23 -2.43 14.82
N TRP A 179 -2.76 -2.72 13.59
CA TRP A 179 -3.16 -4.01 12.96
C TRP A 179 -2.63 -5.14 13.85
N PRO A 180 -3.45 -6.12 14.23
CA PRO A 180 -2.97 -7.18 15.14
C PRO A 180 -1.92 -8.10 14.53
N ASP A 181 -1.01 -8.63 15.39
CA ASP A 181 0.07 -9.54 14.93
C ASP A 181 -0.53 -10.74 14.18
N PHE A 182 -1.66 -11.30 14.65
CA PHE A 182 -2.41 -12.40 13.96
C PHE A 182 -3.82 -11.97 13.53
N GLY A 183 -4.26 -12.47 12.39
CA GLY A 183 -5.62 -12.17 11.87
C GLY A 183 -5.82 -10.73 11.39
N VAL A 184 -7.07 -10.26 11.49
CA VAL A 184 -7.49 -8.92 10.96
C VAL A 184 -8.26 -8.22 12.06
N PRO A 185 -8.44 -6.87 12.00
CA PRO A 185 -9.21 -6.16 13.04
C PRO A 185 -10.67 -6.67 13.12
N GLU A 186 -11.19 -6.74 14.35
CA GLU A 186 -12.57 -7.24 14.61
C GLU A 186 -13.57 -6.32 13.91
N SER A 187 -13.32 -5.01 13.91
CA SER A 187 -14.12 -3.99 13.18
C SER A 187 -13.21 -3.27 12.18
N PRO A 188 -13.76 -2.75 11.05
CA PRO A 188 -12.98 -1.95 10.11
C PRO A 188 -13.01 -0.45 10.43
N ALA A 189 -13.58 -0.05 11.57
CA ALA A 189 -13.79 1.37 11.96
C ALA A 189 -12.47 2.17 11.91
N SER A 190 -11.43 1.75 12.63
CA SER A 190 -10.16 2.53 12.74
C SER A 190 -9.46 2.58 11.37
N PHE A 191 -9.42 1.47 10.62
CA PHE A 191 -8.74 1.40 9.30
C PHE A 191 -9.42 2.39 8.35
N LEU A 192 -10.75 2.50 8.43
CA LEU A 192 -11.55 3.40 7.56
C LEU A 192 -11.34 4.86 8.01
N ASN A 193 -11.44 5.15 9.30
CA ASN A 193 -11.04 6.49 9.82
C ASN A 193 -9.66 6.85 9.27
N PHE A 194 -8.71 5.90 9.29
CA PHE A 194 -7.34 6.12 8.79
C PHE A 194 -7.31 6.44 7.29
N LEU A 195 -7.98 5.62 6.47
CA LEU A 195 -8.03 5.82 4.99
C LEU A 195 -8.47 7.25 4.70
N PHE A 196 -9.48 7.73 5.43
CA PHE A 196 -10.07 9.08 5.17
C PHE A 196 -9.11 10.18 5.65
N LYS A 197 -8.29 9.93 6.67
CA LYS A 197 -7.23 10.90 7.04
C LYS A 197 -6.20 10.98 5.91
N VAL A 198 -5.88 9.85 5.28
CA VAL A 198 -4.93 9.88 4.13
C VAL A 198 -5.59 10.71 2.99
N ARG A 199 -6.86 10.45 2.70
CA ARG A 199 -7.58 11.16 1.59
C ARG A 199 -7.58 12.67 1.89
N GLU A 200 -7.95 13.03 3.12
CA GLU A 200 -8.09 14.46 3.51
C GLU A 200 -6.78 15.21 3.32
N SER A 201 -5.60 14.57 3.45
CA SER A 201 -4.29 15.19 3.27
C SER A 201 -3.91 15.61 1.85
N GLY A 202 -4.62 15.14 0.82
CA GLY A 202 -4.18 15.36 -0.59
C GLY A 202 -3.28 14.27 -1.14
N SER A 203 -2.85 13.32 -0.32
CA SER A 203 -1.78 12.36 -0.74
C SER A 203 -2.28 11.42 -1.86
N LEU A 204 -3.60 11.29 -2.05
CA LEU A 204 -4.17 10.34 -3.06
C LEU A 204 -4.66 11.08 -4.28
N SER A 205 -4.47 12.38 -4.32
CA SER A 205 -5.11 13.25 -5.34
C SER A 205 -4.21 13.38 -6.56
N PRO A 206 -4.83 13.66 -7.74
CA PRO A 206 -4.05 13.66 -8.98
C PRO A 206 -3.05 14.81 -9.19
N GLU A 207 -3.05 15.81 -8.33
CA GLU A 207 -2.00 16.85 -8.42
C GLU A 207 -0.65 16.33 -7.91
N HIS A 208 -0.59 15.18 -7.26
CA HIS A 208 0.69 14.59 -6.78
C HIS A 208 1.01 13.29 -7.55
N GLY A 209 2.25 12.83 -7.45
CA GLY A 209 2.62 11.45 -7.84
C GLY A 209 1.82 10.45 -7.00
N PRO A 210 1.85 9.14 -7.38
CA PRO A 210 1.11 8.13 -6.64
C PRO A 210 1.62 8.03 -5.17
N VAL A 211 0.67 7.80 -4.29
CA VAL A 211 0.98 7.43 -2.88
C VAL A 211 1.87 6.17 -2.91
N VAL A 212 2.81 6.08 -1.93
CA VAL A 212 3.59 4.81 -1.75
C VAL A 212 2.97 4.06 -0.60
N VAL A 213 2.53 2.80 -0.77
CA VAL A 213 1.87 2.02 0.29
C VAL A 213 2.70 0.77 0.56
N HIS A 214 2.99 0.47 1.84
CA HIS A 214 3.73 -0.78 2.16
C HIS A 214 3.23 -1.41 3.46
N CYS A 215 3.56 -2.69 3.55
CA CYS A 215 3.48 -3.47 4.83
C CYS A 215 4.81 -4.22 4.91
N SER A 216 4.84 -5.52 5.25
CA SER A 216 6.12 -6.24 5.14
C SER A 216 6.40 -6.73 3.70
N ALA A 217 5.45 -7.50 3.10
CA ALA A 217 5.59 -7.94 1.69
C ALA A 217 5.00 -6.96 0.67
N GLY A 218 4.14 -6.05 1.11
CA GLY A 218 3.45 -5.12 0.19
C GLY A 218 2.36 -5.76 -0.65
N ILE A 219 1.70 -6.79 -0.16
CA ILE A 219 0.55 -7.43 -0.89
C ILE A 219 -0.68 -7.62 -0.03
N GLY A 220 -0.57 -7.88 1.28
CA GLY A 220 -1.72 -8.27 2.08
C GLY A 220 -2.45 -7.09 2.68
N ARG A 221 -1.99 -6.52 3.80
CA ARG A 221 -2.57 -5.26 4.32
C ARG A 221 -2.57 -4.18 3.22
N SER A 222 -1.48 -4.06 2.48
CA SER A 222 -1.34 -3.03 1.41
C SER A 222 -2.46 -3.24 0.40
N GLY A 223 -2.75 -4.48 0.03
CA GLY A 223 -3.83 -4.78 -0.95
C GLY A 223 -5.20 -4.39 -0.39
N THR A 224 -5.43 -4.58 0.90
CA THR A 224 -6.70 -4.23 1.57
C THR A 224 -6.94 -2.71 1.49
N PHE A 225 -5.91 -1.92 1.71
CA PHE A 225 -5.97 -0.43 1.69
C PHE A 225 -6.41 0.03 0.28
N CYS A 226 -5.69 -0.39 -0.77
CA CYS A 226 -6.02 0.13 -2.15
C CYS A 226 -7.36 -0.43 -2.62
N LEU A 227 -7.67 -1.68 -2.36
CA LEU A 227 -8.97 -2.30 -2.76
C LEU A 227 -10.13 -1.53 -2.13
N ALA A 228 -10.05 -1.24 -0.83
CA ALA A 228 -11.16 -0.53 -0.15
C ALA A 228 -11.29 0.87 -0.73
N ASP A 229 -10.20 1.59 -0.89
CA ASP A 229 -10.21 2.97 -1.43
C ASP A 229 -10.84 2.97 -2.84
N THR A 230 -10.36 2.14 -3.75
CA THR A 230 -10.88 2.14 -5.15
C THR A 230 -12.36 1.75 -5.14
N CYS A 231 -12.79 0.75 -4.39
CA CYS A 231 -14.24 0.32 -4.44
C CYS A 231 -15.16 1.47 -3.97
N LEU A 232 -14.78 2.17 -2.89
CA LEU A 232 -15.57 3.31 -2.36
C LEU A 232 -15.62 4.42 -3.41
N LEU A 233 -14.51 4.75 -4.09
CA LEU A 233 -14.50 5.82 -5.13
C LEU A 233 -15.42 5.40 -6.26
N LEU A 234 -15.40 4.13 -6.71
CA LEU A 234 -16.31 3.70 -7.82
C LEU A 234 -17.77 3.81 -7.39
N MET A 235 -18.10 3.55 -6.12
CA MET A 235 -19.49 3.64 -5.63
C MET A 235 -19.97 5.09 -5.70
N ASP A 236 -19.09 6.07 -5.50
CA ASP A 236 -19.48 7.51 -5.50
C ASP A 236 -19.64 8.01 -6.95
N LYS A 237 -19.00 7.34 -7.92
CA LYS A 237 -18.95 7.80 -9.32
C LYS A 237 -20.09 7.19 -10.14
N ARG A 238 -20.51 5.97 -9.81
CA ARG A 238 -21.44 5.18 -10.66
C ARG A 238 -22.90 5.56 -10.35
N LYS A 239 -23.78 5.46 -11.34
CA LYS A 239 -25.24 5.68 -11.11
C LYS A 239 -25.77 4.58 -10.19
N ASP A 240 -25.22 3.37 -10.30
CA ASP A 240 -25.70 2.21 -9.50
C ASP A 240 -24.57 1.71 -8.62
N PRO A 241 -24.40 2.28 -7.41
CA PRO A 241 -23.35 1.81 -6.49
C PRO A 241 -23.37 0.29 -6.34
N SER A 242 -24.50 -0.36 -6.66
CA SER A 242 -24.68 -1.82 -6.44
C SER A 242 -23.96 -2.62 -7.53
N SER A 243 -23.56 -1.99 -8.64
CA SER A 243 -22.80 -2.63 -9.75
C SER A 243 -21.32 -2.82 -9.37
N VAL A 244 -20.87 -2.33 -8.21
CA VAL A 244 -19.40 -2.46 -7.89
C VAL A 244 -19.13 -3.89 -7.44
N ASP A 245 -18.25 -4.60 -8.13
CA ASP A 245 -17.98 -6.03 -7.85
C ASP A 245 -16.56 -6.14 -7.25
N ILE A 246 -16.48 -6.34 -5.94
CA ILE A 246 -15.17 -6.27 -5.24
C ILE A 246 -14.22 -7.35 -5.81
N LYS A 247 -14.72 -8.54 -6.14
CA LYS A 247 -13.88 -9.62 -6.68
C LYS A 247 -13.31 -9.20 -8.03
N LYS A 248 -14.13 -8.56 -8.89
CA LYS A 248 -13.62 -8.06 -10.19
C LYS A 248 -12.61 -6.92 -10.04
N VAL A 249 -12.79 -6.02 -9.10
CA VAL A 249 -11.79 -4.93 -8.84
C VAL A 249 -10.45 -5.57 -8.40
N LEU A 250 -10.53 -6.53 -7.48
CA LEU A 250 -9.31 -7.23 -6.96
C LEU A 250 -8.59 -7.93 -8.12
N LEU A 251 -9.33 -8.62 -8.98
CA LEU A 251 -8.64 -9.26 -10.13
C LEU A 251 -7.99 -8.24 -11.08
N GLU A 252 -8.62 -7.06 -11.30
CA GLU A 252 -8.01 -5.98 -12.08
C GLU A 252 -6.68 -5.53 -11.39
N MET A 253 -6.70 -5.32 -10.08
CA MET A 253 -5.50 -4.89 -9.34
C MET A 253 -4.38 -5.95 -9.44
N ARG A 254 -4.75 -7.23 -9.41
CA ARG A 254 -3.80 -8.36 -9.53
C ARG A 254 -3.18 -8.45 -10.93
N LYS A 255 -3.68 -7.72 -11.93
CA LYS A 255 -2.93 -7.57 -13.20
C LYS A 255 -1.61 -6.82 -12.98
N PHE A 256 -1.50 -5.99 -11.91
CA PHE A 256 -0.35 -5.08 -11.71
C PHE A 256 0.63 -5.53 -10.59
N ARG A 257 0.16 -6.31 -9.62
CA ARG A 257 1.06 -6.91 -8.59
C ARG A 257 0.45 -8.23 -8.13
N MET A 258 1.29 -9.27 -8.02
CA MET A 258 0.83 -10.60 -7.59
C MET A 258 0.36 -10.60 -6.13
N GLY A 259 -0.56 -11.51 -5.81
CA GLY A 259 -0.80 -11.92 -4.41
C GLY A 259 -1.63 -10.97 -3.55
N LEU A 260 -2.17 -9.90 -4.13
CA LEU A 260 -2.87 -8.87 -3.35
C LEU A 260 -4.05 -9.52 -2.61
N ILE A 261 -4.13 -9.34 -1.28
CA ILE A 261 -5.03 -10.02 -0.33
C ILE A 261 -4.45 -11.44 -0.13
N GLN A 262 -3.89 -11.69 1.03
CA GLN A 262 -3.06 -12.93 1.29
C GLN A 262 -3.86 -14.06 1.93
N THR A 263 -5.05 -13.79 2.46
CA THR A 263 -5.85 -14.78 3.24
C THR A 263 -7.35 -14.57 2.97
N ALA A 264 -8.16 -15.61 3.18
CA ALA A 264 -9.64 -15.49 3.16
C ALA A 264 -10.12 -14.50 4.22
N ASP A 265 -9.46 -14.37 5.36
CA ASP A 265 -9.88 -13.38 6.40
C ASP A 265 -9.64 -11.94 5.93
N GLN A 266 -8.52 -11.67 5.24
CA GLN A 266 -8.27 -10.33 4.61
C GLN A 266 -9.34 -10.07 3.54
N LEU A 267 -9.79 -11.09 2.80
CA LEU A 267 -10.86 -10.87 1.77
C LEU A 267 -12.16 -10.47 2.48
N ARG A 268 -12.56 -11.22 3.53
CA ARG A 268 -13.80 -10.89 4.30
C ARG A 268 -13.69 -9.50 4.91
N PHE A 269 -12.54 -9.13 5.48
CA PHE A 269 -12.32 -7.81 6.11
C PHE A 269 -12.49 -6.70 5.04
N SER A 270 -12.01 -6.94 3.82
CA SER A 270 -12.12 -5.94 2.72
C SER A 270 -13.60 -5.72 2.39
N TYR A 271 -14.39 -6.79 2.26
CA TYR A 271 -15.88 -6.66 2.10
C TYR A 271 -16.48 -5.85 3.24
N LEU A 272 -16.11 -6.17 4.50
CA LEU A 272 -16.71 -5.46 5.67
C LEU A 272 -16.40 -3.98 5.59
N ALA A 273 -15.13 -3.65 5.27
CA ALA A 273 -14.70 -2.24 5.19
C ALA A 273 -15.50 -1.48 4.12
N VAL A 274 -15.68 -2.04 2.95
CA VAL A 274 -16.39 -1.34 1.84
C VAL A 274 -17.87 -1.20 2.22
N ILE A 275 -18.46 -2.25 2.77
CA ILE A 275 -19.92 -2.20 3.19
C ILE A 275 -20.13 -1.09 4.24
N GLU A 276 -19.35 -1.14 5.33
CA GLU A 276 -19.50 -0.21 6.48
C GLU A 276 -19.09 1.19 6.02
N GLY A 277 -18.14 1.27 5.09
CA GLY A 277 -17.71 2.56 4.50
C GLY A 277 -18.80 3.15 3.62
N ALA A 278 -19.51 2.29 2.87
CA ALA A 278 -20.56 2.70 1.91
C ALA A 278 -21.69 3.46 2.65
N LYS A 279 -21.88 3.19 3.93
CA LYS A 279 -22.94 3.86 4.75
C LYS A 279 -22.49 5.29 5.07
N PHE A 280 -21.68 5.90 4.20
CA PHE A 280 -21.31 7.35 4.26
C PHE A 280 -21.20 7.93 2.84
N ILE A 281 -20.39 7.31 1.95
CA ILE A 281 -20.33 7.68 0.50
C ILE A 281 -21.74 8.10 0.03
N MET A 282 -22.79 7.41 0.52
CA MET A 282 -24.18 7.52 -0.02
C MET A 282 -24.99 8.55 0.77
N GLY A 283 -24.33 9.35 1.62
CA GLY A 283 -24.82 10.68 2.06
C GLY A 283 -24.97 10.85 3.56
N ASP A 284 -24.41 9.94 4.33
CA ASP A 284 -24.58 9.99 5.81
C ASP A 284 -23.32 10.64 6.41
C TRS B . 1.87 -0.89 -19.07
C1 TRS B . 1.64 -2.08 -18.14
C2 TRS B . 0.61 -0.38 -19.78
C3 TRS B . 2.83 -1.29 -20.11
N TRS B . 2.61 0.23 -18.36
O1 TRS B . 1.51 -1.68 -16.77
O2 TRS B . -0.56 -0.65 -19.02
O3 TRS B . 4.08 -1.92 -19.60
H11 TRS B . 2.38 -2.71 -18.23
H12 TRS B . 0.82 -2.55 -18.41
H21 TRS B . 0.53 -0.80 -20.66
H22 TRS B . 0.68 0.60 -19.90
H31 TRS B . 3.06 -0.51 -20.64
H32 TRS B . 2.38 -1.93 -20.71
HN1 TRS B . 3.32 0.53 -18.84
HN2 TRS B . 2.91 -0.04 -17.55
HN3 TRS B . 2.06 0.94 -18.22
HO1 TRS B . 1.21 -2.25 -16.27
HO2 TRS B . -1.13 -0.38 -19.13
HO3 TRS B . 4.35 -1.50 -18.91
C10 A1ABI C . -14.83 5.82 9.30
C13 A1ABI C . -14.65 9.44 10.21
C15 A1ABI C . -15.04 10.53 9.35
C17 A1ABI C . -15.41 9.09 7.41
C21 A1ABI C . -15.64 6.79 4.89
C01 A1ABI C . -17.05 0.82 11.02
C02 A1ABI C . -16.95 1.97 9.95
C04 A1ABI C . -16.27 4.23 10.69
C06 A1ABI C . -16.24 5.42 9.68
C07 A1ABI C . -16.74 4.96 8.25
C09 A1ABI C . -14.94 6.48 7.87
C12 A1ABI C . -14.66 8.14 9.56
C14 A1ABI C . -14.26 9.71 11.64
C16 A1ABI C . -15.42 10.38 7.99
C18 A1ABI C . -15.04 7.97 8.18
C19 A1ABI C . -16.49 5.85 5.84
N08 A1ABI C . -16.05 5.82 7.20
O03 A1ABI C . -17.36 3.29 10.47
O05 A1ABI C . -15.49 4.07 11.56
O11 A1ABI C . -14.31 6.84 10.15
O20 A1ABI C . -17.41 5.25 5.40
H101 A1ABI C . -14.26 4.84 9.30
H151 A1ABI C . -15.06 11.54 9.77
H171 A1ABI C . -15.70 8.97 6.39
H211 A1ABI C . -15.44 6.41 3.90
H212 A1ABI C . -14.74 7.15 5.33
H213 A1ABI C . -16.25 7.70 4.71
H011 A1ABI C . -16.12 0.22 11.07
H012 A1ABI C . -17.82 0.08 10.80
H013 A1ABI C . -17.21 1.17 12.04
H022 A1ABI C . -15.92 1.97 9.56
H021 A1ABI C . -17.60 1.69 9.10
H061 A1ABI C . -16.73 6.28 10.14
H071 A1ABI C . -16.55 3.89 8.11
H072 A1ABI C . -17.83 5.13 8.21
H091 A1ABI C . -14.00 6.24 7.33
H141 A1ABI C . -14.32 10.75 11.95
H142 A1ABI C . -13.23 9.43 11.94
H143 A1ABI C . -14.86 9.19 12.39
H161 A1ABI C . -15.72 11.24 7.36
#